data_9AVW
#
_entry.id   9AVW
#
_cell.length_a   89.663
_cell.length_b   89.663
_cell.length_c   86.120
_cell.angle_alpha   90.00
_cell.angle_beta   90.00
_cell.angle_gamma   120.00
#
_symmetry.space_group_name_H-M   'P 65 2 2'
#
loop_
_entity.id
_entity.type
_entity.pdbx_description
1 polymer Ubiquitin
2 polymer 'TGF-beta-activated kinase 1 and MAP3K7-binding protein 2'
3 non-polymer 'SULFATE ION'
4 non-polymer 'ZINC ION'
5 water water
#
loop_
_entity_poly.entity_id
_entity_poly.type
_entity_poly.pdbx_seq_one_letter_code
_entity_poly.pdbx_strand_id
1 'polypeptide(L)'
;MQIFVKTLTGKTITLEVEPSDTIENVKAKIQDKEGIPPDQQRLIFAGKQLEDGRTLSDYNIQKESTLHLVLRLRGGMQIF
VKTLTGKTITLEVEPSDTIENVKAKIQDKEGIPPDQQRLIFAGKQLEDGRTLSDYNIQKE(SEP)TLHLVLRLRGG
;
A,B
2 'polypeptide(L)' DEGAQWNCTACTFLNHPALIRCEQCEMPRHF C
#
loop_
_chem_comp.id
_chem_comp.type
_chem_comp.name
_chem_comp.formula
SO4 non-polymer 'SULFATE ION' 'O4 S -2'
ZN non-polymer 'ZINC ION' 'Zn 2'
#
# COMPACT_ATOMS: atom_id res chain seq x y z
N MET A 1 -24.00 13.63 -0.26
CA MET A 1 -22.71 14.28 -0.27
C MET A 1 -21.91 13.79 -1.46
N GLN A 2 -21.34 14.73 -2.23
CA GLN A 2 -20.44 14.37 -3.31
C GLN A 2 -19.00 14.37 -2.83
N ILE A 3 -18.26 13.33 -3.20
CA ILE A 3 -16.81 13.32 -3.09
C ILE A 3 -16.25 13.00 -4.47
N PHE A 4 -14.95 13.22 -4.61
CA PHE A 4 -14.26 12.93 -5.85
C PHE A 4 -13.31 11.76 -5.65
N VAL A 5 -13.24 10.91 -6.65
CA VAL A 5 -12.27 9.82 -6.70
C VAL A 5 -11.41 10.06 -7.91
N LYS A 6 -10.12 10.30 -7.70
CA LYS A 6 -9.19 10.64 -8.78
C LYS A 6 -8.37 9.41 -9.13
N THR A 7 -8.34 9.03 -10.41
CA THR A 7 -7.51 7.92 -10.82
C THR A 7 -6.09 8.42 -11.17
N LEU A 8 -5.20 7.46 -11.45
CA LEU A 8 -3.83 7.83 -11.76
C LEU A 8 -3.67 8.42 -13.15
N THR A 9 -4.73 8.39 -13.98
CA THR A 9 -4.74 9.13 -15.23
C THR A 9 -5.21 10.56 -15.05
N GLY A 10 -5.54 10.97 -13.83
CA GLY A 10 -6.11 12.28 -13.61
C GLY A 10 -7.60 12.38 -13.83
N LYS A 11 -8.26 11.29 -14.14
CA LYS A 11 -9.71 11.33 -14.29
C LYS A 11 -10.35 11.52 -12.93
N THR A 12 -11.29 12.45 -12.86
CA THR A 12 -12.02 12.73 -11.64
C THR A 12 -13.41 12.11 -11.73
N ILE A 13 -13.69 11.14 -10.87
CA ILE A 13 -15.00 10.51 -10.77
C ILE A 13 -15.77 11.20 -9.64
N THR A 14 -16.99 11.63 -9.92
CA THR A 14 -17.85 12.18 -8.88
C THR A 14 -18.73 11.07 -8.32
N LEU A 15 -18.73 10.94 -7.00
CA LEU A 15 -19.43 9.86 -6.32
C LEU A 15 -20.35 10.46 -5.28
N GLU A 16 -21.59 9.97 -5.23
CA GLU A 16 -22.54 10.36 -4.20
C GLU A 16 -22.45 9.35 -3.06
N VAL A 17 -22.21 9.84 -1.84
CA VAL A 17 -22.00 8.99 -0.67
C VAL A 17 -22.66 9.64 0.53
N GLU A 18 -22.78 8.87 1.58
CA GLU A 18 -23.18 9.45 2.85
C GLU A 18 -21.96 9.69 3.72
N PRO A 19 -21.96 10.75 4.53
CA PRO A 19 -20.78 11.02 5.37
C PRO A 19 -20.43 9.87 6.31
N SER A 20 -21.40 9.05 6.69
CA SER A 20 -21.16 7.93 7.58
C SER A 20 -20.86 6.62 6.84
N ASP A 21 -20.78 6.63 5.50
CA ASP A 21 -20.48 5.41 4.76
C ASP A 21 -19.13 4.85 5.16
N THR A 22 -19.04 3.53 5.26
CA THR A 22 -17.75 2.89 5.46
C THR A 22 -16.97 2.89 4.16
N ILE A 23 -15.65 2.67 4.27
CA ILE A 23 -14.81 2.57 3.08
C ILE A 23 -15.28 1.41 2.21
N GLU A 24 -15.69 0.30 2.85
CA GLU A 24 -16.19 -0.83 2.09
CA GLU A 24 -16.20 -0.83 2.09
C GLU A 24 -17.43 -0.45 1.28
N ASN A 25 -18.32 0.37 1.87
CA ASN A 25 -19.47 0.87 1.14
C ASN A 25 -19.05 1.74 -0.02
N VAL A 26 -18.01 2.55 0.18
CA VAL A 26 -17.55 3.44 -0.89
C VAL A 26 -16.99 2.62 -2.06
N LYS A 27 -16.22 1.57 -1.74
CA LYS A 27 -15.71 0.70 -2.80
C LYS A 27 -16.84 0.05 -3.58
N ALA A 28 -17.93 -0.29 -2.88
CA ALA A 28 -19.11 -0.89 -3.53
C ALA A 28 -19.78 0.11 -4.46
N LYS A 29 -19.77 1.40 -4.08
CA LYS A 29 -20.32 2.43 -4.95
C LYS A 29 -19.42 2.70 -6.16
N ILE A 30 -18.10 2.57 -5.98
CA ILE A 30 -17.21 2.65 -7.13
C ILE A 30 -17.43 1.45 -8.05
N GLN A 31 -17.65 0.28 -7.46
CA GLN A 31 -17.98 -0.89 -8.27
C GLN A 31 -19.26 -0.64 -9.07
N ASP A 32 -20.25 -0.02 -8.45
CA ASP A 32 -21.52 0.21 -9.14
C ASP A 32 -21.37 1.25 -10.26
N LYS A 33 -20.54 2.27 -10.04
CA LYS A 33 -20.38 3.34 -11.03
C LYS A 33 -19.34 3.03 -12.10
N GLU A 34 -18.21 2.42 -11.71
CA GLU A 34 -17.12 2.15 -12.64
C GLU A 34 -16.97 0.69 -13.03
N GLY A 35 -17.58 -0.24 -12.29
CA GLY A 35 -17.40 -1.63 -12.61
C GLY A 35 -16.07 -2.24 -12.18
N ILE A 36 -15.39 -1.63 -11.22
CA ILE A 36 -14.11 -2.14 -10.72
C ILE A 36 -14.37 -2.97 -9.47
N PRO A 37 -13.94 -4.23 -9.43
CA PRO A 37 -14.14 -5.06 -8.24
C PRO A 37 -13.50 -4.42 -7.02
N PRO A 38 -14.17 -4.43 -5.87
CA PRO A 38 -13.60 -3.81 -4.67
C PRO A 38 -12.28 -4.39 -4.23
N ASP A 39 -12.03 -5.69 -4.50
CA ASP A 39 -10.73 -6.22 -4.11
C ASP A 39 -9.61 -5.66 -4.96
N GLN A 40 -9.92 -5.05 -6.10
CA GLN A 40 -8.88 -4.44 -6.94
C GLN A 40 -8.69 -2.95 -6.63
N GLN A 41 -9.43 -2.40 -5.67
CA GLN A 41 -9.39 -0.98 -5.35
C GLN A 41 -8.54 -0.74 -4.11
N ARG A 42 -7.62 0.22 -4.20
CA ARG A 42 -6.95 0.79 -3.04
C ARG A 42 -7.24 2.29 -3.04
N LEU A 43 -7.75 2.81 -1.93
CA LEU A 43 -8.06 4.22 -1.81
C LEU A 43 -7.08 4.89 -0.84
N ILE A 44 -6.52 6.02 -1.26
CA ILE A 44 -5.57 6.80 -0.46
C ILE A 44 -6.20 8.17 -0.20
N PHE A 45 -6.13 8.63 1.04
CA PHE A 45 -6.61 9.97 1.38
C PHE A 45 -5.57 10.66 2.24
N ALA A 46 -5.10 11.80 1.78
CA ALA A 46 -4.13 12.63 2.50
C ALA A 46 -3.03 11.79 3.15
N GLY A 47 -2.43 10.92 2.34
CA GLY A 47 -1.26 10.17 2.75
C GLY A 47 -1.54 8.80 3.34
N LYS A 48 -2.81 8.50 3.63
CA LYS A 48 -3.19 7.28 4.33
C LYS A 48 -3.93 6.31 3.40
N GLN A 49 -3.54 5.03 3.47
CA GLN A 49 -4.33 4.00 2.83
C GLN A 49 -5.57 3.73 3.69
N LEU A 50 -6.75 3.79 3.07
CA LEU A 50 -7.99 3.72 3.82
C LEU A 50 -8.38 2.27 4.07
N GLU A 51 -8.86 1.99 5.28
CA GLU A 51 -9.18 0.64 5.72
C GLU A 51 -10.67 0.38 5.65
N ASP A 52 -11.03 -0.84 5.26
CA ASP A 52 -12.40 -1.14 4.80
C ASP A 52 -13.46 -0.87 5.87
N GLY A 53 -13.17 -1.18 7.15
CA GLY A 53 -14.19 -1.08 8.17
C GLY A 53 -14.41 0.29 8.81
N ARG A 54 -13.73 1.33 8.35
CA ARG A 54 -13.86 2.64 8.95
C ARG A 54 -14.75 3.56 8.10
N THR A 55 -15.24 4.63 8.70
CA THR A 55 -16.15 5.50 7.97
C THR A 55 -15.40 6.66 7.32
N LEU A 56 -16.05 7.29 6.34
CA LEU A 56 -15.49 8.49 5.75
C LEU A 56 -15.25 9.56 6.80
N SER A 57 -16.20 9.71 7.73
CA SER A 57 -16.05 10.73 8.77
CA SER A 57 -16.04 10.73 8.76
C SER A 57 -14.90 10.41 9.71
N ASP A 58 -14.61 9.12 9.93
CA ASP A 58 -13.46 8.73 10.75
C ASP A 58 -12.18 9.35 10.22
N TYR A 59 -12.04 9.40 8.91
CA TYR A 59 -10.86 9.91 8.24
C TYR A 59 -10.91 11.41 7.96
N ASN A 60 -11.98 12.08 8.38
CA ASN A 60 -12.22 13.50 8.08
C ASN A 60 -12.38 13.76 6.59
N ILE A 61 -12.97 12.81 5.87
CA ILE A 61 -13.29 13.00 4.46
C ILE A 61 -14.62 13.75 4.37
N GLN A 62 -14.62 14.88 3.66
CA GLN A 62 -15.69 15.87 3.67
C GLN A 62 -16.28 16.04 2.28
N LYS A 63 -17.25 16.96 2.16
CA LYS A 63 -17.83 17.23 0.85
C LYS A 63 -16.74 17.69 -0.11
N GLU A 64 -16.68 17.05 -1.28
CA GLU A 64 -15.75 17.38 -2.35
C GLU A 64 -14.30 17.12 -1.98
N SER A 65 -14.05 16.35 -0.92
CA SER A 65 -12.72 15.77 -0.75
C SER A 65 -12.41 14.83 -1.89
N THR A 66 -11.11 14.63 -2.14
CA THR A 66 -10.64 13.75 -3.21
C THR A 66 -9.99 12.53 -2.58
N LEU A 67 -10.45 11.35 -2.96
CA LEU A 67 -9.78 10.10 -2.68
C LEU A 67 -9.01 9.70 -3.92
N HIS A 68 -7.85 9.12 -3.73
CA HIS A 68 -7.05 8.66 -4.85
C HIS A 68 -7.20 7.15 -4.98
N LEU A 69 -7.58 6.71 -6.18
CA LEU A 69 -7.84 5.30 -6.48
C LEU A 69 -6.63 4.71 -7.19
N VAL A 70 -6.01 3.72 -6.56
CA VAL A 70 -4.93 2.94 -7.15
C VAL A 70 -5.47 1.53 -7.35
N LEU A 71 -5.30 0.98 -8.55
CA LEU A 71 -5.76 -0.39 -8.79
C LEU A 71 -4.65 -1.37 -8.43
N ARG A 72 -5.00 -2.41 -7.68
CA ARG A 72 -4.04 -3.46 -7.28
C ARG A 72 -4.42 -4.79 -7.90
N MET B 77 1.06 -19.46 3.82
CA MET B 77 0.37 -18.47 3.01
C MET B 77 1.33 -17.83 2.02
N GLN B 78 0.78 -17.26 0.95
CA GLN B 78 1.59 -16.57 -0.05
C GLN B 78 1.68 -15.10 0.28
N ILE B 79 2.89 -14.54 0.17
CA ILE B 79 3.04 -13.10 0.09
C ILE B 79 3.91 -12.79 -1.11
N PHE B 80 3.89 -11.52 -1.52
CA PHE B 80 4.63 -11.10 -2.69
C PHE B 80 5.64 -10.04 -2.30
N VAL B 81 6.75 -10.03 -3.03
CA VAL B 81 7.81 -9.04 -2.82
C VAL B 81 8.06 -8.37 -4.16
N LYS B 82 8.02 -7.04 -4.16
CA LYS B 82 8.27 -6.25 -5.36
C LYS B 82 9.64 -5.63 -5.25
N THR B 83 10.46 -5.78 -6.29
CA THR B 83 11.78 -5.19 -6.31
C THR B 83 11.73 -3.88 -7.11
N LEU B 84 12.80 -3.09 -7.00
CA LEU B 84 12.77 -1.80 -7.69
C LEU B 84 12.77 -1.99 -9.21
N THR B 85 13.52 -2.98 -9.70
CA THR B 85 13.51 -3.30 -11.13
C THR B 85 12.25 -4.05 -11.57
N GLY B 86 11.19 -4.03 -10.75
CA GLY B 86 9.88 -4.48 -11.16
C GLY B 86 9.59 -5.96 -10.98
N LYS B 87 10.56 -6.76 -10.54
CA LYS B 87 10.31 -8.18 -10.37
C LYS B 87 9.34 -8.43 -9.24
N THR B 88 8.53 -9.48 -9.41
CA THR B 88 7.63 -9.96 -8.36
C THR B 88 8.15 -11.32 -7.89
N ILE B 89 8.38 -11.46 -6.60
CA ILE B 89 8.77 -12.73 -6.00
C ILE B 89 7.60 -13.23 -5.17
N THR B 90 7.24 -14.50 -5.30
CA THR B 90 6.19 -15.08 -4.47
C THR B 90 6.85 -15.94 -3.39
N LEU B 91 6.48 -15.70 -2.13
CA LEU B 91 7.05 -16.46 -1.02
C LEU B 91 5.96 -17.24 -0.32
N GLU B 92 6.35 -18.38 0.26
CA GLU B 92 5.48 -19.13 1.15
C GLU B 92 5.95 -18.89 2.57
N VAL B 93 5.08 -18.33 3.41
CA VAL B 93 5.46 -17.90 4.75
C VAL B 93 4.34 -18.28 5.70
N GLU B 94 4.69 -18.32 7.00
CA GLU B 94 3.66 -18.31 8.03
C GLU B 94 3.66 -16.95 8.73
N PRO B 95 2.52 -16.53 9.26
CA PRO B 95 2.51 -15.25 10.01
C PRO B 95 3.50 -15.21 11.15
N SER B 96 3.89 -16.36 11.71
CA SER B 96 4.84 -16.37 12.80
C SER B 96 6.29 -16.18 12.35
N ASP B 97 6.55 -16.15 11.04
CA ASP B 97 7.91 -16.04 10.55
C ASP B 97 8.51 -14.68 10.90
N THR B 98 9.79 -14.68 11.28
CA THR B 98 10.48 -13.41 11.48
C THR B 98 10.84 -12.78 10.14
N ILE B 99 11.15 -11.49 10.20
CA ILE B 99 11.60 -10.80 9.00
C ILE B 99 12.92 -11.41 8.51
N GLU B 100 13.77 -11.86 9.44
CA GLU B 100 15.01 -12.54 9.04
C GLU B 100 14.71 -13.76 8.18
N ASN B 101 13.73 -14.57 8.58
CA ASN B 101 13.41 -15.75 7.79
CA ASN B 101 13.37 -15.75 7.81
C ASN B 101 12.90 -15.36 6.41
N VAL B 102 12.15 -14.25 6.31
CA VAL B 102 11.66 -13.78 5.02
C VAL B 102 12.83 -13.37 4.11
N LYS B 103 13.81 -12.66 4.67
CA LYS B 103 14.99 -12.30 3.89
C LYS B 103 15.74 -13.53 3.40
N ALA B 104 15.80 -14.57 4.24
CA ALA B 104 16.46 -15.80 3.79
C ALA B 104 15.71 -16.42 2.62
N LYS B 105 14.38 -16.37 2.64
CA LYS B 105 13.60 -16.91 1.53
C LYS B 105 13.82 -16.10 0.26
N ILE B 106 13.99 -14.79 0.40
CA ILE B 106 14.28 -13.93 -0.75
C ILE B 106 15.65 -14.27 -1.32
N GLN B 107 16.65 -14.50 -0.46
CA GLN B 107 17.95 -14.92 -0.95
C GLN B 107 17.86 -16.18 -1.80
N ASP B 108 17.03 -17.16 -1.38
CA ASP B 108 16.92 -18.40 -2.15
C ASP B 108 16.41 -18.15 -3.56
N LYS B 109 15.49 -17.19 -3.72
CA LYS B 109 14.84 -16.92 -4.99
C LYS B 109 15.66 -16.01 -5.89
N GLU B 110 16.55 -15.21 -5.30
CA GLU B 110 17.20 -14.09 -5.94
C GLU B 110 18.71 -14.13 -5.86
N GLY B 111 19.26 -14.51 -4.72
CA GLY B 111 20.70 -14.48 -4.50
C GLY B 111 21.20 -13.27 -3.74
N ILE B 112 20.32 -12.41 -3.26
CA ILE B 112 20.75 -11.23 -2.52
C ILE B 112 20.97 -11.60 -1.06
N PRO B 113 22.17 -11.41 -0.53
CA PRO B 113 22.41 -11.67 0.90
C PRO B 113 21.43 -10.90 1.77
N PRO B 114 20.96 -11.51 2.85
CA PRO B 114 20.01 -10.82 3.72
C PRO B 114 20.51 -9.50 4.31
N ASP B 115 21.81 -9.38 4.59
CA ASP B 115 22.26 -8.12 5.20
C ASP B 115 22.27 -6.96 4.21
N GLN B 116 22.04 -7.21 2.93
CA GLN B 116 21.86 -6.15 1.96
C GLN B 116 20.40 -5.87 1.64
N GLN B 117 19.46 -6.55 2.31
CA GLN B 117 18.04 -6.37 2.04
C GLN B 117 17.39 -5.44 3.06
N ARG B 118 16.60 -4.49 2.58
CA ARG B 118 15.67 -3.72 3.39
C ARG B 118 14.26 -4.01 2.90
N LEU B 119 13.36 -4.34 3.82
CA LEU B 119 11.97 -4.60 3.47
C LEU B 119 11.10 -3.46 3.99
N ILE B 120 10.26 -2.92 3.12
CA ILE B 120 9.35 -1.83 3.44
C ILE B 120 7.91 -2.34 3.31
N PHE B 121 7.07 -2.02 4.28
CA PHE B 121 5.65 -2.37 4.20
C PHE B 121 4.86 -1.26 4.87
N ALA B 122 3.83 -0.75 4.17
CA ALA B 122 2.95 0.28 4.71
C ALA B 122 3.76 1.45 5.24
N GLY B 123 4.78 1.86 4.48
CA GLY B 123 5.60 3.01 4.82
C GLY B 123 6.59 2.81 5.96
N LYS B 124 6.78 1.57 6.43
CA LYS B 124 7.68 1.29 7.54
C LYS B 124 8.75 0.32 7.09
N GLN B 125 9.97 0.49 7.60
CA GLN B 125 11.00 -0.53 7.40
C GLN B 125 10.83 -1.63 8.45
N LEU B 126 10.78 -2.87 7.99
CA LEU B 126 10.57 -4.01 8.88
C LEU B 126 11.87 -4.41 9.56
N GLU B 127 11.78 -4.76 10.84
CA GLU B 127 12.94 -5.07 11.65
C GLU B 127 13.16 -6.57 11.72
N ASP B 128 14.44 -6.98 11.62
CA ASP B 128 14.80 -8.40 11.48
C ASP B 128 14.16 -9.28 12.54
N GLY B 129 14.14 -8.82 13.79
CA GLY B 129 13.73 -9.64 14.91
C GLY B 129 12.23 -9.80 15.10
N ARG B 130 11.42 -9.01 14.40
CA ARG B 130 9.98 -9.08 14.58
C ARG B 130 9.40 -10.01 13.51
N THR B 131 8.11 -10.26 13.58
CA THR B 131 7.44 -11.24 12.74
C THR B 131 6.47 -10.56 11.79
N LEU B 132 5.98 -11.32 10.81
CA LEU B 132 4.97 -10.78 9.91
C LEU B 132 3.71 -10.39 10.67
N SER B 133 3.32 -11.18 11.67
CA SER B 133 2.12 -10.85 12.42
CA SER B 133 2.13 -10.87 12.46
C SER B 133 2.30 -9.58 13.24
N ASP B 134 3.53 -9.27 13.65
CA ASP B 134 3.80 -8.00 14.34
C ASP B 134 3.40 -6.81 13.48
N TYR B 135 3.51 -6.93 12.18
CA TYR B 135 3.17 -5.84 11.27
C TYR B 135 1.83 -6.04 10.61
N ASN B 136 1.06 -7.03 11.06
CA ASN B 136 -0.26 -7.32 10.50
C ASN B 136 -0.19 -7.59 8.99
N ILE B 137 0.86 -8.25 8.56
CA ILE B 137 0.98 -8.60 7.15
C ILE B 137 0.16 -9.86 6.89
N GLN B 138 -0.76 -9.78 5.94
CA GLN B 138 -1.74 -10.83 5.70
C GLN B 138 -1.49 -11.54 4.38
N LYS B 139 -2.25 -12.61 4.16
CA LYS B 139 -2.10 -13.42 2.95
C LYS B 139 -2.26 -12.57 1.70
N GLU B 140 -1.34 -12.78 0.75
CA GLU B 140 -1.36 -12.20 -0.60
C GLU B 140 -1.02 -10.71 -0.61
N SEP B 141 -0.58 -10.17 0.52
CA SEP B 141 -0.10 -8.80 0.54
CB SEP B 141 -0.20 -8.21 1.96
OG SEP B 141 -1.56 -8.25 2.35
C SEP B 141 1.33 -8.72 0.01
O SEP B 141 1.98 -9.74 -0.19
P SEP B 141 -2.03 -7.07 3.33
O1P SEP B 141 -3.64 -7.15 3.36
O2P SEP B 141 -1.42 -7.35 4.78
O3P SEP B 141 -1.54 -5.66 2.73
N THR B 142 1.79 -7.49 -0.23
CA THR B 142 3.02 -7.22 -0.97
C THR B 142 3.99 -6.36 -0.16
N LEU B 143 5.24 -6.81 -0.05
CA LEU B 143 6.32 -6.04 0.54
C LEU B 143 7.21 -5.49 -0.55
N HIS B 144 7.93 -4.42 -0.23
CA HIS B 144 8.89 -3.85 -1.17
C HIS B 144 10.31 -4.05 -0.68
N LEU B 145 11.15 -4.55 -1.59
CA LEU B 145 12.54 -4.85 -1.30
C LEU B 145 13.41 -3.78 -1.91
N VAL B 146 14.26 -3.17 -1.09
CA VAL B 146 15.30 -2.30 -1.62
C VAL B 146 16.63 -2.77 -1.05
N LEU B 147 17.70 -2.35 -1.71
CA LEU B 147 19.00 -2.92 -1.37
C LEU B 147 19.81 -1.93 -0.55
N ARG B 148 20.64 -2.49 0.33
CA ARG B 148 21.55 -1.73 1.17
C ARG B 148 22.96 -2.22 0.87
N LEU B 149 23.79 -1.34 0.30
CA LEU B 149 25.19 -1.69 0.01
C LEU B 149 26.12 -1.16 1.09
N ASP C 1 16.45 16.27 6.24
CA ASP C 1 15.36 16.02 5.30
C ASP C 1 15.56 14.71 4.54
N GLU C 2 16.76 14.15 4.63
CA GLU C 2 17.06 12.94 3.88
C GLU C 2 16.40 11.70 4.50
N GLY C 3 16.20 11.71 5.81
CA GLY C 3 15.47 10.65 6.48
C GLY C 3 13.99 10.89 6.58
N ALA C 4 13.48 11.95 5.96
CA ALA C 4 12.07 12.29 6.06
C ALA C 4 11.22 11.41 5.15
N GLN C 5 10.01 11.11 5.61
CA GLN C 5 9.02 10.48 4.75
C GLN C 5 8.59 11.46 3.67
N TRP C 6 7.97 10.94 2.61
CA TRP C 6 7.63 11.78 1.47
C TRP C 6 6.30 11.34 0.88
N ASN C 7 5.50 12.32 0.46
CA ASN C 7 4.18 12.06 -0.11
C ASN C 7 4.32 11.92 -1.63
N CYS C 8 3.78 10.83 -2.14
CA CYS C 8 3.68 10.64 -3.58
C CYS C 8 2.85 11.76 -4.21
N THR C 9 3.36 12.35 -5.29
CA THR C 9 2.60 13.42 -5.93
C THR C 9 1.45 12.91 -6.79
N ALA C 10 1.37 11.61 -7.04
CA ALA C 10 0.28 11.02 -7.80
C ALA C 10 -0.87 10.55 -6.93
N CYS C 11 -0.59 9.80 -5.85
CA CYS C 11 -1.67 9.27 -5.04
C CYS C 11 -1.66 9.78 -3.61
N THR C 12 -0.64 10.56 -3.21
CA THR C 12 -0.39 11.22 -1.89
C THR C 12 0.16 10.28 -0.83
N PHE C 13 0.31 8.99 -1.09
CA PHE C 13 0.72 8.07 -0.03
C PHE C 13 2.03 8.50 0.61
N LEU C 14 2.09 8.40 1.94
CA LEU C 14 3.25 8.82 2.71
C LEU C 14 4.26 7.67 2.76
N ASN C 15 5.36 7.84 2.02
CA ASN C 15 6.32 6.78 1.75
C ASN C 15 7.56 6.87 2.63
N HIS C 16 8.18 5.72 2.85
CA HIS C 16 9.46 5.62 3.55
C HIS C 16 10.58 6.21 2.70
N PRO C 17 11.56 6.89 3.31
CA PRO C 17 12.64 7.48 2.50
C PRO C 17 13.52 6.46 1.77
N ALA C 18 13.51 5.18 2.15
CA ALA C 18 14.31 4.20 1.43
C ALA C 18 13.75 3.89 0.05
N LEU C 19 12.49 4.21 -0.23
CA LEU C 19 11.90 3.95 -1.54
C LEU C 19 12.02 5.18 -2.41
N ILE C 20 12.40 4.97 -3.68
CA ILE C 20 12.43 6.06 -4.66
C ILE C 20 11.30 5.97 -5.66
N ARG C 21 10.40 4.98 -5.52
CA ARG C 21 9.11 4.93 -6.17
C ARG C 21 8.06 4.69 -5.12
N CYS C 22 6.84 5.17 -5.39
CA CYS C 22 5.75 5.05 -4.42
C CYS C 22 5.37 3.59 -4.18
N GLU C 23 5.23 3.22 -2.90
CA GLU C 23 4.88 1.85 -2.55
C GLU C 23 3.51 1.46 -3.09
N GLN C 24 2.62 2.43 -3.26
CA GLN C 24 1.26 2.12 -3.74
C GLN C 24 1.17 2.06 -5.26
N CYS C 25 1.69 3.09 -5.94
CA CYS C 25 1.41 3.26 -7.36
C CYS C 25 2.67 3.21 -8.22
N GLU C 26 3.85 3.11 -7.61
CA GLU C 26 5.17 3.01 -8.24
C GLU C 26 5.57 4.29 -8.99
N MET C 27 4.85 5.39 -8.81
CA MET C 27 5.30 6.66 -9.36
C MET C 27 6.67 7.02 -8.79
N PRO C 28 7.65 7.39 -9.62
CA PRO C 28 8.96 7.76 -9.08
C PRO C 28 8.89 9.01 -8.23
N ARG C 29 9.75 9.04 -7.21
CA ARG C 29 9.84 10.22 -6.36
C ARG C 29 10.52 11.36 -7.10
N HIS C 30 11.55 11.04 -7.87
CA HIS C 30 12.36 12.04 -8.58
C HIS C 30 11.96 11.96 -10.06
N PHE C 31 11.05 12.84 -10.45
CA PHE C 31 10.57 12.92 -11.83
C PHE C 31 11.21 14.13 -12.53
S SO4 D . -5.53 16.12 -2.55
O1 SO4 D . -6.82 16.47 -3.12
O2 SO4 D . -5.67 15.91 -1.11
O3 SO4 D . -4.58 17.19 -2.81
O4 SO4 D . -5.07 14.87 -3.15
S SO4 E . -2.61 10.33 11.97
O1 SO4 E . -2.87 11.27 13.07
O2 SO4 E . -3.28 9.08 12.25
O3 SO4 E . -1.18 10.10 11.85
O4 SO4 E . -3.12 10.93 10.73
S SO4 F . 23.40 2.14 1.53
O1 SO4 F . 23.36 1.28 2.71
O2 SO4 F . 22.06 2.68 1.29
O3 SO4 F . 24.34 3.22 1.74
O4 SO4 F . 23.81 1.35 0.37
S SO4 G . 16.23 -7.02 -9.19
O1 SO4 G . 15.22 -6.01 -8.88
O2 SO4 G . 15.67 -8.36 -8.95
O3 SO4 G . 17.37 -6.84 -8.30
O4 SO4 G . 16.63 -6.89 -10.58
S SO4 H . 19.56 0.75 7.73
O1 SO4 H . 18.65 0.04 6.84
O2 SO4 H . 19.92 -0.11 8.86
O3 SO4 H . 18.92 1.95 8.24
O4 SO4 H . 20.77 1.12 6.98
ZN ZN I . 1.66 6.87 -5.25
S SO4 J . 13.84 3.03 10.12
O1 SO4 J . 14.90 2.08 9.82
O2 SO4 J . 12.81 2.39 10.93
O3 SO4 J . 13.24 3.51 8.88
O4 SO4 J . 14.40 4.16 10.86
#